data_3KQW
#
_entry.id   3KQW
#
_cell.length_a   94.405
_cell.length_b   94.405
_cell.length_c   189.535
_cell.angle_alpha   90.000
_cell.angle_beta   90.000
_cell.angle_gamma   90.000
#
_symmetry.space_group_name_H-M   'P 43 21 2'
#
loop_
_entity.id
_entity.type
_entity.pdbx_description
1 polymer 'Phenylethanolamine N-methyltransferase'
2 non-polymer S-ADENOSYL-L-HOMOCYSTEINE
3 non-polymer 5-chloro-1H-benzimidazole
4 water water
#
_entity_poly.entity_id   1
_entity_poly.type   'polypeptide(L)'
_entity_poly.pdbx_seq_one_letter_code
;MSGADRSPNAGAAPDSAPGQAAVASAYQRFEPRAYLRNNYAPPRGDLCNPNGVGPWKLRCLAQTFATGEVSGRTLIDIGS
GPTVYQLLSACSHFEDITMTDFLEVNRQELGRWLQEEPGAFNWSMYSQHACLIEGKGECWQDKERQLRARVKRVLPIDVH
QPQPLGAGSPAPLPADALVSAFCLEAVSPDLASFQRALDHITTLLRPGGHLLLIGALEESWYLAGEARLTVVPVSEEEVR
EALVRSGYKVRDLRTYIMPAHLQTGVDDVKGVFFAWAQKVGLEHHHHHH
;
_entity_poly.pdbx_strand_id   A,B
#
loop_
_chem_comp.id
_chem_comp.type
_chem_comp.name
_chem_comp.formula
ES9 non-polymer 5-chloro-1H-benzimidazole 'C7 H5 Cl N2'
SAH non-polymer S-ADENOSYL-L-HOMOCYSTEINE 'C14 H20 N6 O5 S'
#
# COMPACT_ATOMS: atom_id res chain seq x y z
N ALA A 24 21.21 -28.26 18.63
CA ALA A 24 22.06 -27.91 17.51
C ALA A 24 21.84 -28.86 16.34
N SER A 25 21.78 -30.15 16.65
CA SER A 25 21.51 -31.17 15.64
C SER A 25 20.06 -31.05 15.20
N ALA A 26 19.22 -30.54 16.09
CA ALA A 26 17.79 -30.37 15.78
C ALA A 26 17.57 -29.36 14.66
N TYR A 27 18.41 -28.32 14.62
CA TYR A 27 18.32 -27.29 13.57
C TYR A 27 18.81 -27.75 12.20
N GLN A 28 19.28 -28.98 12.11
CA GLN A 28 19.79 -29.50 10.84
C GLN A 28 18.66 -29.97 9.93
N ARG A 29 17.48 -30.22 10.50
CA ARG A 29 16.32 -30.67 9.72
C ARG A 29 15.34 -29.51 9.40
N PHE A 30 15.78 -28.30 9.72
CA PHE A 30 14.97 -27.08 9.67
C PHE A 30 14.68 -26.60 8.24
N GLU A 31 13.43 -26.71 7.80
CA GLU A 31 13.01 -26.27 6.46
C GLU A 31 12.54 -24.81 6.47
N PRO A 32 13.34 -23.90 5.90
CA PRO A 32 12.96 -22.47 5.85
C PRO A 32 11.57 -22.18 5.26
N ARG A 33 11.16 -22.85 4.18
CA ARG A 33 9.83 -22.56 3.62
C ARG A 33 8.73 -22.98 4.59
N ALA A 34 8.98 -24.06 5.33
CA ALA A 34 7.99 -24.55 6.26
C ALA A 34 7.85 -23.61 7.45
N TYR A 35 8.95 -22.97 7.83
CA TYR A 35 8.89 -21.95 8.87
C TYR A 35 8.14 -20.71 8.36
N LEU A 36 8.53 -20.20 7.20
CA LEU A 36 7.87 -19.04 6.60
C LEU A 36 6.38 -19.29 6.43
N ARG A 37 6.03 -20.46 5.94
CA ARG A 37 4.64 -20.82 5.73
C ARG A 37 3.85 -20.91 7.04
N ASN A 38 4.48 -21.41 8.09
CA ASN A 38 3.82 -21.64 9.38
C ASN A 38 3.53 -20.37 10.18
N ASN A 39 4.33 -19.32 9.92
CA ASN A 39 4.33 -18.11 10.73
C ASN A 39 4.09 -16.82 9.98
N TYR A 40 4.33 -16.84 8.68
CA TYR A 40 4.27 -15.60 7.92
C TYR A 40 3.29 -15.67 6.75
N ALA A 41 2.58 -16.78 6.65
CA ALA A 41 1.48 -16.92 5.71
C ALA A 41 0.18 -17.00 6.51
N PRO A 42 -0.98 -16.81 5.85
CA PRO A 42 -2.23 -16.86 6.62
C PRO A 42 -2.36 -18.14 7.44
N PRO A 43 -2.97 -18.04 8.64
CA PRO A 43 -3.64 -16.88 9.21
C PRO A 43 -2.72 -15.87 9.93
N ARG A 44 -1.55 -16.29 10.41
CA ARG A 44 -0.67 -15.39 11.17
C ARG A 44 -0.08 -14.33 10.28
N GLY A 45 -0.21 -14.53 8.97
CA GLY A 45 0.38 -13.61 8.01
C GLY A 45 -0.66 -12.78 7.27
N ASP A 46 -1.91 -12.87 7.71
CA ASP A 46 -2.89 -11.93 7.20
C ASP A 46 -2.71 -10.63 7.96
N LEU A 47 -2.26 -9.61 7.25
CA LEU A 47 -2.02 -8.35 7.90
C LEU A 47 -3.27 -7.46 7.95
N CYS A 48 -4.39 -7.94 7.40
CA CYS A 48 -5.57 -7.08 7.30
C CYS A 48 -6.25 -6.76 8.63
N ASN A 49 -6.37 -7.76 9.53
CA ASN A 49 -6.92 -7.51 10.86
C ASN A 49 -5.85 -6.94 11.77
N PRO A 50 -6.12 -5.76 12.35
CA PRO A 50 -5.12 -5.03 13.14
C PRO A 50 -4.89 -5.73 14.47
N ASN A 51 -5.72 -6.71 14.78
CA ASN A 51 -5.61 -7.45 16.02
C ASN A 51 -4.72 -8.68 15.95
N GLY A 52 -4.23 -8.98 14.75
CA GLY A 52 -3.36 -10.11 14.54
C GLY A 52 -1.93 -9.88 15.01
N VAL A 53 -1.15 -10.95 15.10
CA VAL A 53 0.20 -10.87 15.64
C VAL A 53 1.14 -10.11 14.71
N GLY A 54 0.90 -10.23 13.40
CA GLY A 54 1.71 -9.55 12.42
C GLY A 54 1.72 -8.05 12.64
N PRO A 55 0.54 -7.43 12.61
CA PRO A 55 0.45 -5.98 12.79
C PRO A 55 1.01 -5.51 14.14
N TRP A 56 0.73 -6.27 15.21
CA TRP A 56 1.30 -5.95 16.52
C TRP A 56 2.83 -5.82 16.49
N LYS A 57 3.49 -6.81 15.88
CA LYS A 57 4.95 -6.79 15.77
C LYS A 57 5.46 -5.54 15.08
N LEU A 58 4.98 -5.32 13.85
CA LEU A 58 5.40 -4.14 13.07
C LEU A 58 5.11 -2.84 13.81
N ARG A 59 4.01 -2.82 14.54
CA ARG A 59 3.63 -1.65 15.30
C ARG A 59 4.70 -1.37 16.35
N CYS A 60 5.08 -2.41 17.10
CA CYS A 60 6.10 -2.27 18.12
C CYS A 60 7.39 -1.71 17.55
N LEU A 61 7.82 -2.26 16.42
CA LEU A 61 9.08 -1.84 15.82
C LEU A 61 8.98 -0.38 15.38
N ALA A 62 7.92 -0.09 14.64
CA ALA A 62 7.71 1.23 14.09
C ALA A 62 7.61 2.29 15.18
N GLN A 63 6.74 2.04 16.17
CA GLN A 63 6.57 2.95 17.29
C GLN A 63 7.90 3.29 17.95
N THR A 64 8.70 2.25 18.19
CA THR A 64 10.00 2.40 18.84
C THR A 64 10.96 3.30 18.03
N PHE A 65 11.09 3.06 16.73
CA PHE A 65 11.96 3.90 15.91
C PHE A 65 11.42 5.33 15.76
N ALA A 66 10.09 5.46 15.73
CA ALA A 66 9.49 6.78 15.57
C ALA A 66 9.86 7.71 16.73
N THR A 67 10.30 7.13 17.84
CA THR A 67 10.71 7.95 19.00
C THR A 67 11.96 8.78 18.71
N GLY A 68 12.71 8.36 17.69
CA GLY A 68 13.95 9.00 17.32
C GLY A 68 15.11 8.78 18.29
N GLU A 69 14.94 7.84 19.23
CA GLU A 69 15.98 7.59 20.24
C GLU A 69 16.85 6.35 19.94
N VAL A 70 16.44 5.57 18.94
CA VAL A 70 17.24 4.45 18.48
C VAL A 70 17.89 4.80 17.15
N SER A 71 19.06 5.43 17.24
CA SER A 71 19.71 5.95 16.05
C SER A 71 21.18 5.59 16.04
N GLY A 72 21.80 5.68 14.87
CA GLY A 72 23.19 5.33 14.74
C GLY A 72 23.55 4.97 13.32
N ARG A 73 24.67 4.29 13.17
CA ARG A 73 25.25 4.07 11.86
C ARG A 73 25.19 2.61 11.50
N THR A 74 25.42 1.74 12.48
CA THR A 74 25.43 0.31 12.21
C THR A 74 24.50 -0.49 13.12
N LEU A 75 23.92 -1.55 12.56
CA LEU A 75 22.97 -2.36 13.27
C LEU A 75 23.16 -3.84 12.90
N ILE A 76 22.93 -4.73 13.86
CA ILE A 76 22.97 -6.17 13.58
C ILE A 76 21.70 -6.91 14.01
N ASP A 77 21.20 -7.76 13.12
CA ASP A 77 20.02 -8.56 13.38
C ASP A 77 20.49 -9.97 13.70
N ILE A 78 20.14 -10.44 14.90
CA ILE A 78 20.63 -11.72 15.42
C ILE A 78 19.65 -12.85 15.21
N GLY A 79 20.06 -13.87 14.46
CA GLY A 79 19.19 -14.97 14.14
C GLY A 79 18.02 -14.53 13.27
N SER A 80 18.37 -13.90 12.15
CA SER A 80 17.40 -13.38 11.21
C SER A 80 16.52 -14.48 10.63
N GLY A 81 17.05 -15.69 10.60
CA GLY A 81 16.36 -16.77 9.92
C GLY A 81 16.16 -16.34 8.49
N PRO A 82 15.03 -16.72 7.89
CA PRO A 82 14.72 -16.37 6.50
C PRO A 82 13.76 -15.18 6.45
N THR A 83 13.75 -14.33 7.47
CA THR A 83 12.77 -13.25 7.51
C THR A 83 13.42 -11.88 7.51
N VAL A 84 12.70 -10.89 6.95
CA VAL A 84 13.23 -9.53 6.84
C VAL A 84 12.37 -8.46 7.51
N TYR A 85 11.10 -8.80 7.79
CA TYR A 85 10.14 -7.84 8.35
C TYR A 85 10.67 -7.09 9.55
N GLN A 86 11.48 -7.77 10.36
CA GLN A 86 11.99 -7.18 11.59
C GLN A 86 12.91 -5.98 11.35
N LEU A 87 13.27 -5.73 10.09
CA LEU A 87 14.14 -4.60 9.75
C LEU A 87 13.44 -3.51 8.95
N LEU A 88 12.17 -3.72 8.61
CA LEU A 88 11.47 -2.82 7.70
C LEU A 88 11.49 -1.38 8.18
N SER A 89 11.16 -1.17 9.46
CA SER A 89 11.14 0.17 10.04
C SER A 89 12.53 0.59 10.46
N ALA A 90 13.38 -0.40 10.71
CA ALA A 90 14.69 -0.12 11.24
C ALA A 90 15.53 0.53 10.16
N CYS A 91 15.38 0.04 8.93
CA CYS A 91 16.36 0.32 7.88
C CYS A 91 16.54 1.80 7.50
N SER A 92 15.57 2.64 7.84
CA SER A 92 15.72 4.08 7.58
C SER A 92 16.49 4.81 8.69
N HIS A 93 16.98 4.08 9.68
CA HIS A 93 17.78 4.66 10.77
C HIS A 93 19.24 4.22 10.85
N PHE A 94 19.60 3.24 10.02
CA PHE A 94 20.96 2.69 10.05
C PHE A 94 21.50 2.41 8.66
N GLU A 95 22.61 3.05 8.31
CA GLU A 95 23.16 2.94 6.97
C GLU A 95 23.87 1.63 6.69
N ASP A 96 24.38 0.98 7.74
CA ASP A 96 25.06 -0.30 7.58
C ASP A 96 24.33 -1.38 8.39
N ILE A 97 23.75 -2.35 7.70
CA ILE A 97 23.02 -3.41 8.37
C ILE A 97 23.65 -4.78 8.14
N THR A 98 23.76 -5.56 9.20
CA THR A 98 24.30 -6.91 9.13
C THR A 98 23.23 -7.90 9.56
N MET A 99 22.95 -8.88 8.72
CA MET A 99 21.96 -9.87 9.09
C MET A 99 22.72 -11.14 9.40
N THR A 100 22.16 -11.97 10.28
CA THR A 100 22.86 -13.16 10.69
C THR A 100 21.95 -14.39 10.79
N ASP A 101 22.53 -15.56 10.62
CA ASP A 101 21.89 -16.77 11.08
C ASP A 101 22.86 -17.94 11.22
N PHE A 102 22.47 -18.90 12.03
CA PHE A 102 23.25 -20.10 12.27
C PHE A 102 23.29 -20.97 11.02
N LEU A 103 22.14 -21.13 10.36
CA LEU A 103 21.99 -22.05 9.22
C LEU A 103 22.35 -21.46 7.86
N GLU A 104 23.05 -22.25 7.07
CA GLU A 104 23.36 -21.92 5.68
C GLU A 104 22.10 -21.69 4.86
N VAL A 105 21.15 -22.64 4.95
CA VAL A 105 19.90 -22.59 4.17
C VAL A 105 19.14 -21.28 4.37
N ASN A 106 19.03 -20.82 5.62
CA ASN A 106 18.42 -19.52 5.91
C ASN A 106 19.17 -18.36 5.29
N ARG A 107 20.50 -18.41 5.35
CA ARG A 107 21.30 -17.36 4.73
C ARG A 107 21.07 -17.33 3.22
N GLN A 108 20.81 -18.50 2.62
CA GLN A 108 20.51 -18.55 1.20
C GLN A 108 19.13 -18.00 0.91
N GLU A 109 18.15 -18.38 1.72
CA GLU A 109 16.80 -17.86 1.54
C GLU A 109 16.77 -16.33 1.64
N LEU A 110 17.58 -15.75 2.52
CA LEU A 110 17.73 -14.29 2.61
C LEU A 110 18.33 -13.72 1.34
N GLY A 111 19.40 -14.37 0.87
CA GLY A 111 20.06 -13.95 -0.35
C GLY A 111 19.05 -13.78 -1.48
N ARG A 112 18.25 -14.81 -1.71
CA ARG A 112 17.23 -14.80 -2.75
C ARG A 112 16.33 -13.56 -2.72
N TRP A 113 15.95 -13.11 -1.54
CA TRP A 113 15.10 -11.93 -1.44
C TRP A 113 15.91 -10.64 -1.57
N LEU A 114 17.10 -10.60 -0.99
CA LEU A 114 17.93 -9.42 -1.13
C LEU A 114 18.32 -9.15 -2.61
N GLN A 115 18.55 -10.23 -3.35
CA GLN A 115 19.01 -10.16 -4.73
C GLN A 115 17.87 -10.29 -5.73
N GLU A 116 16.63 -10.14 -5.26
CA GLU A 116 15.47 -10.26 -6.12
C GLU A 116 15.50 -11.51 -7.05
N GLU A 117 15.97 -12.62 -6.51
CA GLU A 117 16.11 -13.84 -7.29
C GLU A 117 14.78 -14.59 -7.45
N PRO A 118 14.80 -15.70 -8.20
CA PRO A 118 13.59 -16.52 -8.38
C PRO A 118 13.32 -17.38 -7.14
N GLY A 119 12.05 -17.51 -6.78
CA GLY A 119 11.65 -18.31 -5.63
C GLY A 119 11.95 -17.61 -4.32
N ALA A 120 12.07 -16.29 -4.38
CA ALA A 120 12.23 -15.51 -3.18
C ALA A 120 10.89 -15.43 -2.48
N PHE A 121 10.94 -15.30 -1.16
CA PHE A 121 9.71 -15.10 -0.41
C PHE A 121 9.16 -13.71 -0.73
N ASN A 122 7.84 -13.59 -0.73
CA ASN A 122 7.20 -12.31 -0.99
C ASN A 122 6.85 -11.59 0.30
N TRP A 123 7.65 -10.58 0.64
CA TRP A 123 7.45 -9.81 1.86
C TRP A 123 6.59 -8.55 1.65
N SER A 124 6.17 -8.33 0.41
CA SER A 124 5.57 -7.05 0.05
C SER A 124 4.34 -6.64 0.88
N MET A 125 3.49 -7.59 1.30
CA MET A 125 2.39 -7.24 2.24
C MET A 125 2.91 -6.58 3.51
N TYR A 126 4.07 -7.06 3.98
CA TYR A 126 4.69 -6.58 5.21
C TYR A 126 5.33 -5.21 5.00
N SER A 127 5.97 -5.02 3.84
CA SER A 127 6.51 -3.72 3.44
C SER A 127 5.38 -2.70 3.38
N GLN A 128 4.31 -3.07 2.68
CA GLN A 128 3.16 -2.19 2.54
C GLN A 128 2.66 -1.77 3.91
N HIS A 129 2.61 -2.73 4.83
CA HIS A 129 2.08 -2.43 6.16
C HIS A 129 3.00 -1.57 7.00
N ALA A 130 4.31 -1.76 6.87
CA ALA A 130 5.25 -0.89 7.55
C ALA A 130 5.04 0.55 7.06
N CYS A 131 4.87 0.69 5.75
CA CYS A 131 4.64 2.02 5.16
C CYS A 131 3.33 2.63 5.66
N LEU A 132 2.27 1.83 5.67
CA LEU A 132 0.99 2.22 6.24
C LEU A 132 1.16 2.73 7.67
N ILE A 133 1.75 1.88 8.51
CA ILE A 133 1.92 2.14 9.94
C ILE A 133 2.81 3.37 10.20
N GLU A 134 3.96 3.43 9.53
CA GLU A 134 4.90 4.54 9.73
C GLU A 134 4.28 5.88 9.34
N GLY A 135 3.42 5.86 8.34
CA GLY A 135 2.64 7.02 7.98
C GLY A 135 3.45 8.20 7.47
N LYS A 136 4.44 7.94 6.63
CA LYS A 136 5.29 8.99 6.07
C LYS A 136 4.99 9.06 4.60
N GLY A 137 3.89 8.41 4.20
CA GLY A 137 3.50 8.35 2.80
C GLY A 137 4.47 7.66 1.86
N GLU A 138 5.29 6.75 2.37
CA GLU A 138 6.27 6.04 1.54
C GLU A 138 5.66 4.86 0.77
N CYS A 139 6.06 4.70 -0.48
CA CYS A 139 5.62 3.53 -1.24
C CYS A 139 6.45 2.33 -0.83
N TRP A 140 5.83 1.15 -0.81
CA TRP A 140 6.52 -0.02 -0.28
C TRP A 140 7.76 -0.39 -1.08
N GLN A 141 7.78 -0.08 -2.38
CA GLN A 141 8.95 -0.37 -3.21
C GLN A 141 10.19 0.39 -2.77
N ASP A 142 10.01 1.60 -2.26
CA ASP A 142 11.14 2.40 -1.85
C ASP A 142 11.68 1.80 -0.56
N LYS A 143 10.74 1.44 0.32
CA LYS A 143 11.06 0.77 1.55
C LYS A 143 11.95 -0.45 1.30
N GLU A 144 11.56 -1.31 0.37
CA GLU A 144 12.29 -2.55 0.10
C GLU A 144 13.65 -2.27 -0.51
N ARG A 145 13.67 -1.29 -1.39
CA ARG A 145 14.89 -0.81 -2.03
C ARG A 145 15.90 -0.34 -0.98
N GLN A 146 15.44 0.48 -0.04
CA GLN A 146 16.30 1.01 1.01
C GLN A 146 16.85 -0.12 1.90
N LEU A 147 15.96 -1.02 2.33
CA LEU A 147 16.38 -2.16 3.12
C LEU A 147 17.45 -2.95 2.37
N ARG A 148 17.14 -3.31 1.13
CA ARG A 148 18.06 -4.09 0.30
C ARG A 148 19.43 -3.41 0.15
N ALA A 149 19.42 -2.09 0.08
CA ALA A 149 20.65 -1.32 -0.11
C ALA A 149 21.47 -1.29 1.16
N ARG A 150 20.77 -1.13 2.29
CA ARG A 150 21.42 -0.97 3.58
C ARG A 150 21.92 -2.28 4.24
N VAL A 151 21.38 -3.42 3.83
CA VAL A 151 21.94 -4.70 4.25
C VAL A 151 23.22 -4.96 3.48
N LYS A 152 24.34 -4.86 4.17
CA LYS A 152 25.64 -5.00 3.53
C LYS A 152 26.07 -6.45 3.44
N ARG A 153 25.74 -7.22 4.48
CA ARG A 153 26.25 -8.59 4.58
C ARG A 153 25.32 -9.48 5.38
N VAL A 154 25.28 -10.75 5.01
CA VAL A 154 24.60 -11.79 5.77
C VAL A 154 25.61 -12.83 6.29
N LEU A 155 25.79 -12.90 7.62
CA LEU A 155 26.87 -13.69 8.22
C LEU A 155 26.42 -14.87 9.10
N PRO A 156 27.27 -15.89 9.19
CA PRO A 156 27.02 -17.00 10.12
C PRO A 156 27.16 -16.51 11.54
N ILE A 157 26.45 -17.15 12.46
CA ILE A 157 26.48 -16.76 13.86
C ILE A 157 26.07 -17.93 14.75
N ASP A 158 26.60 -17.93 15.98
CA ASP A 158 26.21 -18.89 17.00
C ASP A 158 26.27 -18.20 18.35
N VAL A 159 25.11 -17.79 18.86
CA VAL A 159 25.02 -17.02 20.11
C VAL A 159 25.53 -17.79 21.34
N HIS A 160 25.73 -19.09 21.19
CA HIS A 160 26.26 -19.86 22.28
C HIS A 160 27.75 -19.51 22.48
N GLN A 161 28.40 -19.05 21.40
CA GLN A 161 29.79 -18.62 21.50
C GLN A 161 29.92 -17.26 22.16
N PRO A 162 30.94 -17.08 23.00
CA PRO A 162 31.27 -15.82 23.68
C PRO A 162 31.53 -14.69 22.70
N GLN A 163 32.21 -14.99 21.60
CA GLN A 163 32.22 -14.09 20.47
C GLN A 163 31.34 -14.76 19.41
N PRO A 164 30.03 -14.40 19.39
CA PRO A 164 29.02 -15.11 18.60
C PRO A 164 29.31 -15.06 17.11
N LEU A 165 30.10 -14.07 16.69
CA LEU A 165 30.43 -13.89 15.28
C LEU A 165 31.79 -14.44 14.89
N GLY A 166 32.54 -14.91 15.88
CA GLY A 166 33.87 -15.40 15.63
C GLY A 166 34.92 -14.31 15.74
N ALA A 167 36.15 -14.67 15.39
CA ALA A 167 37.32 -13.82 15.56
C ALA A 167 37.25 -12.46 14.86
N GLY A 168 37.62 -12.42 13.58
CA GLY A 168 37.73 -11.18 12.85
C GLY A 168 36.65 -11.00 11.82
N SER A 169 35.45 -10.68 12.29
CA SER A 169 34.25 -10.62 11.45
C SER A 169 34.18 -9.36 10.58
N PRO A 170 33.62 -9.51 9.38
CA PRO A 170 33.39 -8.42 8.41
C PRO A 170 32.51 -7.33 8.99
N ALA A 171 31.81 -7.65 10.07
CA ALA A 171 30.86 -6.75 10.71
C ALA A 171 31.54 -5.65 11.53
N PRO A 172 31.11 -4.40 11.34
CA PRO A 172 31.58 -3.26 12.13
C PRO A 172 31.15 -3.37 13.57
N LEU A 173 32.10 -3.60 14.47
CA LEU A 173 31.80 -3.68 15.90
C LEU A 173 32.51 -2.55 16.66
N PRO A 174 31.89 -2.08 17.76
CA PRO A 174 30.59 -2.53 18.27
C PRO A 174 29.45 -1.84 17.53
N ALA A 175 28.30 -2.51 17.44
CA ALA A 175 27.12 -1.97 16.76
C ALA A 175 26.47 -0.84 17.56
N ASP A 176 25.72 0.02 16.88
CA ASP A 176 25.01 1.07 17.59
C ASP A 176 23.68 0.55 18.15
N ALA A 177 23.27 -0.64 17.68
CA ALA A 177 21.96 -1.21 18.03
C ALA A 177 21.87 -2.66 17.61
N LEU A 178 20.94 -3.40 18.21
CA LEU A 178 20.74 -4.80 17.87
C LEU A 178 19.25 -5.12 17.73
N VAL A 179 18.93 -6.03 16.84
CA VAL A 179 17.58 -6.58 16.78
C VAL A 179 17.69 -8.08 16.85
N SER A 180 16.71 -8.74 17.46
CA SER A 180 16.67 -10.20 17.41
C SER A 180 15.27 -10.64 17.74
N ALA A 181 14.70 -11.47 16.87
CA ALA A 181 13.32 -11.88 17.05
C ALA A 181 13.20 -13.38 17.02
N PHE A 182 12.63 -13.95 18.07
CA PHE A 182 12.41 -15.40 18.13
C PHE A 182 13.68 -16.21 17.96
N CYS A 183 14.81 -15.66 18.40
CA CYS A 183 16.04 -16.43 18.33
C CYS A 183 16.39 -17.15 19.65
N LEU A 184 16.82 -16.36 20.63
CA LEU A 184 17.34 -16.89 21.89
C LEU A 184 16.48 -17.99 22.52
N GLU A 185 15.23 -17.68 22.84
CA GLU A 185 14.38 -18.68 23.51
C GLU A 185 14.27 -19.98 22.69
N ALA A 186 14.48 -19.88 21.39
CA ALA A 186 14.33 -21.00 20.47
C ALA A 186 15.64 -21.76 20.21
N VAL A 187 16.77 -21.25 20.71
CA VAL A 187 18.06 -21.96 20.60
C VAL A 187 18.62 -22.35 21.99
N SER A 188 17.75 -22.26 23.00
CA SER A 188 18.14 -22.37 24.41
C SER A 188 17.31 -23.42 25.16
N PRO A 189 17.98 -24.44 25.73
CA PRO A 189 17.40 -25.56 26.48
C PRO A 189 16.69 -25.11 27.75
N ASP A 190 17.21 -24.06 28.37
CA ASP A 190 16.67 -23.61 29.66
C ASP A 190 17.06 -22.17 29.94
N LEU A 191 16.50 -21.65 31.02
CA LEU A 191 16.60 -20.24 31.38
C LEU A 191 18.05 -19.74 31.39
N ALA A 192 18.95 -20.54 31.95
CA ALA A 192 20.34 -20.14 32.13
C ALA A 192 21.10 -20.15 30.81
N SER A 193 20.80 -21.14 29.99
CA SER A 193 21.35 -21.15 28.64
C SER A 193 20.87 -19.89 27.89
N PHE A 194 19.64 -19.48 28.20
CA PHE A 194 19.05 -18.29 27.60
C PHE A 194 19.76 -17.04 28.08
N GLN A 195 20.01 -16.98 29.39
CA GLN A 195 20.67 -15.83 30.00
C GLN A 195 22.09 -15.63 29.50
N ARG A 196 22.79 -16.74 29.23
CA ARG A 196 24.17 -16.64 28.73
C ARG A 196 24.17 -16.16 27.29
N ALA A 197 23.33 -16.79 26.48
CA ALA A 197 23.11 -16.31 25.11
C ALA A 197 22.91 -14.79 25.04
N LEU A 198 22.06 -14.25 25.92
CA LEU A 198 21.87 -12.80 26.01
C LEU A 198 23.19 -12.07 26.34
N ASP A 199 23.93 -12.64 27.29
CA ASP A 199 25.21 -12.09 27.70
C ASP A 199 26.16 -12.04 26.51
N HIS A 200 26.20 -13.12 25.73
CA HIS A 200 27.06 -13.20 24.56
C HIS A 200 26.77 -12.12 23.51
N ILE A 201 25.52 -12.03 23.08
CA ILE A 201 25.19 -11.05 22.05
C ILE A 201 25.33 -9.62 22.58
N THR A 202 25.11 -9.45 23.88
CA THR A 202 25.22 -8.13 24.48
C THR A 202 26.63 -7.55 24.33
N THR A 203 27.62 -8.41 24.11
CA THR A 203 29.01 -7.94 23.97
C THR A 203 29.25 -7.25 22.63
N LEU A 204 28.35 -7.52 21.67
CA LEU A 204 28.42 -6.94 20.33
C LEU A 204 27.84 -5.52 20.31
N LEU A 205 27.25 -5.10 21.42
CA LEU A 205 26.51 -3.86 21.47
C LEU A 205 27.29 -2.80 22.24
N ARG A 206 27.66 -1.74 21.53
CA ARG A 206 28.32 -0.57 22.13
C ARG A 206 27.54 -0.12 23.35
N PRO A 207 28.26 0.27 24.42
CA PRO A 207 27.57 0.76 25.63
C PRO A 207 26.73 1.97 25.28
N GLY A 208 25.53 2.06 25.82
CA GLY A 208 24.60 3.12 25.44
C GLY A 208 23.78 2.74 24.22
N GLY A 209 24.10 1.57 23.65
CA GLY A 209 23.41 1.07 22.48
C GLY A 209 22.02 0.57 22.80
N HIS A 210 21.26 0.21 21.76
CA HIS A 210 19.88 -0.22 21.95
C HIS A 210 19.62 -1.63 21.46
N LEU A 211 18.88 -2.38 22.26
CA LEU A 211 18.42 -3.70 21.85
C LEU A 211 16.90 -3.72 21.70
N LEU A 212 16.44 -4.27 20.58
CA LEU A 212 15.03 -4.54 20.40
C LEU A 212 14.92 -6.05 20.31
N LEU A 213 14.23 -6.65 21.26
CA LEU A 213 14.17 -8.10 21.33
C LEU A 213 12.74 -8.54 21.30
N ILE A 214 12.46 -9.53 20.46
CA ILE A 214 11.09 -10.02 20.30
C ILE A 214 11.16 -11.50 20.41
N GLY A 215 10.22 -12.10 21.12
CA GLY A 215 10.21 -13.55 21.22
C GLY A 215 8.91 -14.15 21.71
N ALA A 216 8.86 -15.48 21.74
CA ALA A 216 7.67 -16.19 22.19
C ALA A 216 7.60 -16.30 23.72
N LEU A 217 6.38 -16.18 24.26
CA LEU A 217 6.14 -16.27 25.70
C LEU A 217 5.57 -17.64 26.07
N GLU A 218 6.26 -18.35 26.96
CA GLU A 218 5.77 -19.62 27.45
C GLU A 218 5.60 -20.65 26.32
N GLU A 219 6.51 -20.61 25.37
CA GLU A 219 6.49 -21.57 24.29
C GLU A 219 7.50 -22.66 24.64
N SER A 220 7.23 -23.89 24.19
CA SER A 220 8.15 -25.00 24.47
C SER A 220 8.55 -25.82 23.24
N TRP A 221 7.79 -25.70 22.16
CA TRP A 221 8.17 -26.35 20.91
C TRP A 221 7.50 -25.70 19.73
N TYR A 222 8.06 -25.92 18.54
CA TYR A 222 7.46 -25.46 17.30
C TYR A 222 8.06 -26.24 16.13
N LEU A 223 7.35 -26.28 15.01
CA LEU A 223 7.73 -27.16 13.92
C LEU A 223 8.23 -26.36 12.73
N ALA A 224 9.21 -26.92 12.03
CA ALA A 224 9.69 -26.34 10.77
C ALA A 224 9.87 -27.44 9.74
N GLY A 225 8.76 -27.87 9.15
CA GLY A 225 8.77 -28.99 8.24
C GLY A 225 9.04 -30.28 8.99
N GLU A 226 10.19 -30.88 8.72
CA GLU A 226 10.56 -32.15 9.34
C GLU A 226 11.21 -31.92 10.70
N ALA A 227 11.65 -30.70 10.96
CA ALA A 227 12.29 -30.37 12.23
C ALA A 227 11.27 -30.11 13.32
N ARG A 228 11.53 -30.66 14.49
CA ARG A 228 10.76 -30.37 15.69
C ARG A 228 11.73 -29.73 16.68
N LEU A 229 11.51 -28.45 16.98
CA LEU A 229 12.44 -27.68 17.78
C LEU A 229 11.96 -27.48 19.21
N THR A 230 12.91 -27.40 20.12
CA THR A 230 12.62 -27.28 21.54
C THR A 230 12.83 -25.83 21.96
N VAL A 231 11.96 -25.34 22.83
CA VAL A 231 12.02 -23.95 23.23
C VAL A 231 11.94 -23.86 24.75
N VAL A 232 12.64 -22.90 25.33
CA VAL A 232 12.50 -22.67 26.76
C VAL A 232 11.31 -21.77 27.01
N PRO A 233 10.34 -22.26 27.80
CA PRO A 233 9.16 -21.44 28.12
C PRO A 233 9.56 -20.29 29.05
N VAL A 234 9.47 -19.06 28.56
CA VAL A 234 9.81 -17.90 29.39
C VAL A 234 8.64 -16.95 29.58
N SER A 235 8.66 -16.22 30.70
CA SER A 235 7.60 -15.27 31.03
C SER A 235 8.11 -13.85 30.86
N GLU A 236 7.18 -12.90 30.85
CA GLU A 236 7.56 -11.47 30.81
C GLU A 236 8.52 -11.09 31.96
N GLU A 237 8.18 -11.46 33.19
CA GLU A 237 9.04 -11.15 34.32
C GLU A 237 10.40 -11.81 34.18
N GLU A 238 10.44 -13.01 33.62
CA GLU A 238 11.71 -13.68 33.40
C GLU A 238 12.55 -12.90 32.39
N VAL A 239 11.89 -12.42 31.34
CA VAL A 239 12.58 -11.69 30.27
C VAL A 239 13.16 -10.38 30.80
N ARG A 240 12.37 -9.69 31.62
CA ARG A 240 12.82 -8.46 32.24
C ARG A 240 14.08 -8.70 33.09
N GLU A 241 13.98 -9.64 34.03
CA GLU A 241 15.11 -9.93 34.92
C GLU A 241 16.38 -10.24 34.14
N ALA A 242 16.25 -10.93 33.02
CA ALA A 242 17.39 -11.32 32.21
C ALA A 242 18.11 -10.12 31.59
N LEU A 243 17.33 -9.21 31.00
CA LEU A 243 17.88 -8.01 30.39
C LEU A 243 18.63 -7.21 31.44
N VAL A 244 18.00 -7.09 32.61
CA VAL A 244 18.62 -6.40 33.72
C VAL A 244 19.97 -7.02 34.11
N ARG A 245 19.97 -8.34 34.28
CA ARG A 245 21.19 -9.06 34.63
C ARG A 245 22.27 -8.99 33.54
N SER A 246 21.85 -8.84 32.29
CA SER A 246 22.79 -8.66 31.18
C SER A 246 23.35 -7.23 31.10
N GLY A 247 22.81 -6.33 31.92
CA GLY A 247 23.29 -4.96 31.97
C GLY A 247 22.43 -3.93 31.25
N TYR A 248 21.15 -4.25 31.02
CA TYR A 248 20.25 -3.35 30.29
C TYR A 248 19.33 -2.52 31.20
N LYS A 249 18.96 -1.33 30.73
CA LYS A 249 17.84 -0.58 31.32
C LYS A 249 16.61 -0.77 30.43
N VAL A 250 15.65 -1.53 30.93
CA VAL A 250 14.44 -1.87 30.17
C VAL A 250 13.59 -0.62 29.93
N ARG A 251 13.66 -0.09 28.71
CA ARG A 251 12.94 1.12 28.33
C ARG A 251 11.47 0.81 28.05
N ASP A 252 11.18 -0.42 27.65
CA ASP A 252 9.83 -0.81 27.28
C ASP A 252 9.71 -2.31 27.12
N LEU A 253 8.60 -2.86 27.62
CA LEU A 253 8.36 -4.30 27.53
C LEU A 253 6.86 -4.57 27.46
N ARG A 254 6.41 -5.08 26.31
CA ARG A 254 4.97 -5.29 26.10
C ARG A 254 4.68 -6.74 25.74
N THR A 255 3.42 -7.12 25.93
CA THR A 255 2.98 -8.47 25.64
C THR A 255 1.74 -8.53 24.75
N TYR A 256 1.78 -9.45 23.79
CA TYR A 256 0.64 -9.75 22.95
C TYR A 256 0.19 -11.16 23.34
N ILE A 257 -1.03 -11.26 23.83
CA ILE A 257 -1.60 -12.56 24.16
C ILE A 257 -2.12 -13.20 22.86
N MET A 258 -1.84 -14.50 22.68
CA MET A 258 -2.14 -15.18 21.42
C MET A 258 -3.61 -15.56 21.28
N PRO A 259 -4.30 -15.00 20.27
CA PRO A 259 -5.72 -15.35 20.17
C PRO A 259 -5.91 -16.79 19.70
N ALA A 260 -6.99 -17.41 20.17
CA ALA A 260 -7.36 -18.76 19.78
C ALA A 260 -7.19 -19.02 18.28
N HIS A 261 -7.75 -18.13 17.46
CA HIS A 261 -7.72 -18.35 16.01
C HIS A 261 -6.31 -18.42 15.41
N LEU A 262 -5.31 -17.95 16.15
CA LEU A 262 -3.94 -18.00 15.65
C LEU A 262 -3.13 -19.14 16.30
N GLN A 263 -3.80 -19.97 17.08
CA GLN A 263 -3.17 -21.14 17.67
C GLN A 263 -3.37 -22.33 16.73
N THR A 264 -2.34 -22.63 15.94
CA THR A 264 -2.59 -23.37 14.71
C THR A 264 -1.99 -24.75 14.60
N GLY A 265 -1.49 -25.31 15.70
CA GLY A 265 -0.90 -26.64 15.60
C GLY A 265 0.59 -26.66 15.25
N VAL A 266 1.12 -25.54 14.74
CA VAL A 266 2.55 -25.46 14.44
C VAL A 266 3.45 -25.19 15.67
N ASP A 267 2.86 -24.85 16.80
CA ASP A 267 3.65 -24.67 18.01
C ASP A 267 2.71 -24.56 19.19
N ASP A 268 3.24 -24.07 20.29
CA ASP A 268 2.39 -23.85 21.46
C ASP A 268 2.65 -22.49 22.12
N VAL A 269 3.04 -21.50 21.30
CA VAL A 269 3.28 -20.16 21.81
C VAL A 269 2.00 -19.66 22.48
N LYS A 270 2.16 -18.96 23.61
CA LYS A 270 1.01 -18.48 24.39
C LYS A 270 0.81 -16.97 24.16
N GLY A 271 1.91 -16.29 23.87
CA GLY A 271 1.90 -14.86 23.66
C GLY A 271 3.22 -14.49 23.01
N VAL A 272 3.39 -13.22 22.69
CA VAL A 272 4.64 -12.72 22.14
C VAL A 272 5.04 -11.52 22.97
N PHE A 273 6.33 -11.34 23.19
CA PHE A 273 6.80 -10.17 23.94
C PHE A 273 7.67 -9.30 23.08
N PHE A 274 7.59 -8.00 23.35
CA PHE A 274 8.49 -7.04 22.70
C PHE A 274 9.21 -6.28 23.78
N ALA A 275 10.53 -6.26 23.68
CA ALA A 275 11.36 -5.51 24.63
C ALA A 275 12.27 -4.49 23.95
N TRP A 276 12.22 -3.27 24.47
CA TRP A 276 13.18 -2.22 24.13
C TRP A 276 14.15 -2.03 25.30
N ALA A 277 15.41 -2.41 25.11
CA ALA A 277 16.42 -2.32 26.16
C ALA A 277 17.61 -1.47 25.74
N GLN A 278 18.22 -0.82 26.71
CA GLN A 278 19.38 0.01 26.43
C GLN A 278 20.57 -0.35 27.34
N LYS A 279 21.68 -0.76 26.73
CA LYS A 279 22.89 -1.13 27.46
C LYS A 279 23.40 0.05 28.26
N VAL A 280 23.61 -0.16 29.55
CA VAL A 280 23.89 0.96 30.44
C VAL A 280 25.30 1.53 30.23
N PRO B 14 -24.18 25.58 -33.97
CA PRO B 14 -25.65 25.59 -33.96
C PRO B 14 -26.22 24.16 -33.93
N ASP B 15 -25.55 23.24 -34.62
CA ASP B 15 -25.99 21.86 -34.73
C ASP B 15 -24.89 20.89 -34.32
N SER B 16 -25.24 19.92 -33.48
CA SER B 16 -24.22 19.10 -32.82
C SER B 16 -23.94 17.75 -33.48
N ALA B 17 -24.93 17.21 -34.20
CA ALA B 17 -24.82 15.87 -34.76
C ALA B 17 -23.45 15.53 -35.38
N PRO B 18 -22.99 16.33 -36.35
CA PRO B 18 -21.74 15.98 -37.05
C PRO B 18 -20.59 15.76 -36.07
N GLY B 19 -20.28 16.76 -35.25
CA GLY B 19 -19.22 16.65 -34.28
C GLY B 19 -19.35 15.39 -33.43
N GLN B 20 -20.52 15.25 -32.80
CA GLN B 20 -20.81 14.06 -31.99
C GLN B 20 -20.59 12.75 -32.75
N ALA B 21 -20.91 12.73 -34.05
CA ALA B 21 -20.82 11.51 -34.83
C ALA B 21 -19.36 11.16 -35.17
N ALA B 22 -18.56 12.21 -35.33
CA ALA B 22 -17.12 12.09 -35.51
C ALA B 22 -16.49 11.46 -34.26
N VAL B 23 -16.94 11.96 -33.11
CA VAL B 23 -16.56 11.49 -31.78
C VAL B 23 -16.90 10.01 -31.56
N ALA B 24 -18.17 9.65 -31.76
CA ALA B 24 -18.58 8.25 -31.70
C ALA B 24 -17.83 7.34 -32.70
N SER B 25 -17.56 7.86 -33.90
CA SER B 25 -16.82 7.09 -34.89
C SER B 25 -15.41 6.81 -34.38
N ALA B 26 -14.72 7.88 -33.95
CA ALA B 26 -13.36 7.75 -33.45
C ALA B 26 -13.21 6.72 -32.30
N TYR B 27 -14.06 6.81 -31.28
CA TYR B 27 -14.02 5.90 -30.13
C TYR B 27 -14.34 4.46 -30.49
N GLN B 28 -14.84 4.24 -31.71
CA GLN B 28 -15.09 2.88 -32.19
C GLN B 28 -13.77 2.16 -32.34
N ARG B 29 -12.67 2.90 -32.32
CA ARG B 29 -11.34 2.32 -32.43
C ARG B 29 -10.53 2.36 -31.10
N PHE B 30 -11.14 2.91 -30.06
CA PHE B 30 -10.53 3.04 -28.72
C PHE B 30 -10.13 1.67 -28.14
N GLU B 31 -8.84 1.49 -27.86
CA GLU B 31 -8.34 0.23 -27.26
C GLU B 31 -8.05 0.37 -25.76
N PRO B 32 -8.89 -0.25 -24.91
CA PRO B 32 -8.78 -0.03 -23.46
C PRO B 32 -7.40 -0.36 -22.88
N ARG B 33 -6.80 -1.47 -23.29
CA ARG B 33 -5.51 -1.88 -22.76
C ARG B 33 -4.42 -0.88 -23.12
N ALA B 34 -4.52 -0.32 -24.32
CA ALA B 34 -3.53 0.63 -24.76
C ALA B 34 -3.71 1.92 -23.96
N TYR B 35 -4.95 2.25 -23.63
CA TYR B 35 -5.23 3.41 -22.80
C TYR B 35 -4.69 3.24 -21.37
N LEU B 36 -4.91 2.07 -20.78
CA LEU B 36 -4.41 1.78 -19.43
C LEU B 36 -2.88 1.85 -19.37
N ARG B 37 -2.22 1.22 -20.33
CA ARG B 37 -0.78 1.24 -20.40
C ARG B 37 -0.24 2.67 -20.51
N ASN B 38 -0.88 3.48 -21.36
CA ASN B 38 -0.45 4.85 -21.65
C ASN B 38 -0.55 5.82 -20.49
N ASN B 39 -1.59 5.64 -19.67
CA ASN B 39 -1.94 6.61 -18.62
C ASN B 39 -1.85 6.08 -17.18
N TYR B 40 -1.86 4.77 -17.01
CA TYR B 40 -1.96 4.18 -15.68
C TYR B 40 -0.86 3.20 -15.31
N ALA B 41 -0.16 2.68 -16.31
CA ALA B 41 1.12 2.01 -16.10
C ALA B 41 2.25 3.06 -16.04
N PRO B 42 3.43 2.69 -15.54
CA PRO B 42 4.53 3.67 -15.43
C PRO B 42 4.96 4.18 -16.80
N PRO B 43 5.55 5.39 -16.85
CA PRO B 43 5.86 6.29 -15.72
C PRO B 43 4.68 7.05 -15.11
N ARG B 44 3.58 7.21 -15.83
CA ARG B 44 2.44 7.96 -15.29
C ARG B 44 1.84 7.21 -14.12
N GLY B 45 1.98 5.90 -14.14
CA GLY B 45 1.44 5.05 -13.09
C GLY B 45 2.44 4.75 -12.00
N ASP B 46 3.55 5.48 -12.00
CA ASP B 46 4.51 5.33 -10.92
C ASP B 46 4.02 6.12 -9.73
N LEU B 47 3.46 5.41 -8.75
CA LEU B 47 2.94 6.09 -7.56
C LEU B 47 4.02 6.38 -6.54
N CYS B 48 5.28 6.04 -6.85
CA CYS B 48 6.35 6.23 -5.88
C CYS B 48 6.86 7.67 -5.84
N ASN B 49 6.84 8.35 -6.98
CA ASN B 49 7.16 9.79 -6.96
C ASN B 49 5.94 10.62 -6.62
N PRO B 50 6.05 11.39 -5.54
CA PRO B 50 4.92 12.15 -4.97
C PRO B 50 4.62 13.37 -5.82
N ASN B 51 5.59 13.78 -6.63
CA ASN B 51 5.41 14.91 -7.54
C ASN B 51 4.79 14.48 -8.88
N GLY B 52 4.33 13.24 -8.94
CA GLY B 52 3.79 12.68 -10.15
C GLY B 52 2.28 12.78 -10.21
N VAL B 53 1.73 12.65 -11.41
CA VAL B 53 0.31 12.89 -11.62
C VAL B 53 -0.57 11.86 -10.90
N GLY B 54 -0.10 10.62 -10.83
CA GLY B 54 -0.86 9.57 -10.16
C GLY B 54 -1.16 9.94 -8.71
N PRO B 55 -0.11 10.27 -7.94
CA PRO B 55 -0.32 10.59 -6.53
C PRO B 55 -1.10 11.89 -6.34
N TRP B 56 -0.92 12.86 -7.22
CA TRP B 56 -1.67 14.11 -7.14
C TRP B 56 -3.17 13.87 -7.30
N LYS B 57 -3.56 13.06 -8.31
CA LYS B 57 -4.96 12.70 -8.50
C LYS B 57 -5.58 12.10 -7.23
N LEU B 58 -4.95 11.06 -6.69
CA LEU B 58 -5.45 10.36 -5.52
C LEU B 58 -5.56 11.26 -4.31
N ARG B 59 -4.58 12.14 -4.19
CA ARG B 59 -4.54 13.13 -3.12
C ARG B 59 -5.76 14.06 -3.17
N CYS B 60 -6.06 14.60 -4.35
CA CYS B 60 -7.22 15.48 -4.51
C CYS B 60 -8.47 14.79 -4.05
N LEU B 61 -8.69 13.57 -4.53
CA LEU B 61 -9.87 12.81 -4.14
C LEU B 61 -9.92 12.60 -2.64
N ALA B 62 -8.80 12.12 -2.06
CA ALA B 62 -8.78 11.76 -0.64
C ALA B 62 -8.98 12.97 0.25
N GLN B 63 -8.20 14.02 0.02
CA GLN B 63 -8.39 15.27 0.74
C GLN B 63 -9.84 15.74 0.63
N THR B 64 -10.43 15.62 -0.55
CA THR B 64 -11.81 16.08 -0.70
C THR B 64 -12.75 15.24 0.18
N PHE B 65 -12.64 13.92 0.12
CA PHE B 65 -13.55 13.08 0.90
C PHE B 65 -13.29 13.16 2.41
N ALA B 66 -12.05 13.50 2.78
CA ALA B 66 -11.64 13.58 4.18
C ALA B 66 -12.26 14.77 4.92
N THR B 67 -12.83 15.72 4.20
CA THR B 67 -13.55 16.84 4.81
C THR B 67 -14.88 16.37 5.41
N GLY B 68 -15.33 15.18 5.01
CA GLY B 68 -16.61 14.64 5.43
C GLY B 68 -17.77 15.40 4.79
N GLU B 69 -17.43 16.47 4.08
CA GLU B 69 -18.43 17.33 3.48
C GLU B 69 -19.10 16.75 2.25
N VAL B 70 -18.56 15.65 1.74
CA VAL B 70 -19.12 15.02 0.56
C VAL B 70 -19.64 13.62 0.85
N SER B 71 -20.92 13.52 1.16
CA SER B 71 -21.47 12.22 1.53
C SER B 71 -22.90 12.06 1.02
N GLY B 72 -23.42 10.85 1.16
CA GLY B 72 -24.78 10.55 0.77
C GLY B 72 -24.99 9.07 0.57
N ARG B 73 -26.08 8.69 -0.07
CA ARG B 73 -26.32 7.30 -0.36
C ARG B 73 -25.77 6.92 -1.73
N THR B 74 -26.05 7.74 -2.74
CA THR B 74 -25.75 7.33 -4.11
C THR B 74 -24.73 8.17 -4.88
N LEU B 75 -23.92 7.46 -5.66
CA LEU B 75 -22.90 8.11 -6.47
C LEU B 75 -22.93 7.60 -7.91
N ILE B 76 -22.75 8.51 -8.85
CA ILE B 76 -22.58 8.13 -10.26
C ILE B 76 -21.22 8.56 -10.82
N ASP B 77 -20.44 7.59 -11.32
CA ASP B 77 -19.17 7.88 -11.99
C ASP B 77 -19.44 7.97 -13.48
N ILE B 78 -19.04 9.09 -14.07
CA ILE B 78 -19.42 9.48 -15.42
C ILE B 78 -18.26 9.32 -16.37
N GLY B 79 -18.42 8.43 -17.34
CA GLY B 79 -17.34 8.10 -18.25
C GLY B 79 -16.22 7.41 -17.51
N SER B 80 -16.54 6.31 -16.83
CA SER B 80 -15.57 5.55 -16.04
C SER B 80 -14.42 5.03 -16.88
N GLY B 81 -14.71 4.69 -18.12
CA GLY B 81 -13.71 4.05 -18.95
C GLY B 81 -13.37 2.74 -18.28
N PRO B 82 -12.14 2.28 -18.48
CA PRO B 82 -11.77 1.00 -17.88
C PRO B 82 -11.06 1.18 -16.53
N THR B 83 -11.27 2.31 -15.84
CA THR B 83 -10.49 2.61 -14.64
C THR B 83 -11.36 2.74 -13.41
N VAL B 84 -10.75 2.46 -12.25
CA VAL B 84 -11.50 2.50 -10.99
C VAL B 84 -10.86 3.39 -9.92
N TYR B 85 -9.61 3.79 -10.13
CA TYR B 85 -8.90 4.61 -9.14
C TYR B 85 -9.75 5.78 -8.66
N GLN B 86 -10.53 6.35 -9.59
CA GLN B 86 -11.32 7.53 -9.29
C GLN B 86 -12.37 7.28 -8.20
N LEU B 87 -12.57 6.03 -7.81
CA LEU B 87 -13.58 5.72 -6.80
C LEU B 87 -12.99 5.14 -5.49
N LEU B 88 -11.67 5.08 -5.41
CA LEU B 88 -11.03 4.45 -4.26
C LEU B 88 -11.32 5.14 -2.92
N SER B 89 -11.12 6.46 -2.85
CA SER B 89 -11.48 7.22 -1.65
C SER B 89 -13.00 7.40 -1.54
N ALA B 90 -13.69 7.37 -2.68
CA ALA B 90 -15.12 7.63 -2.66
C ALA B 90 -15.92 6.49 -2.02
N CYS B 91 -15.52 5.25 -2.30
CA CYS B 91 -16.33 4.09 -1.96
C CYS B 91 -16.61 3.89 -0.47
N SER B 92 -15.82 4.52 0.40
CA SER B 92 -16.16 4.47 1.82
C SER B 92 -17.31 5.42 2.22
N HIS B 93 -17.69 6.34 1.34
CA HIS B 93 -18.72 7.32 1.67
C HIS B 93 -20.05 7.13 0.95
N PHE B 94 -20.15 6.14 0.06
CA PHE B 94 -21.43 5.89 -0.62
C PHE B 94 -21.84 4.41 -0.67
N GLU B 95 -23.06 4.12 -0.23
CA GLU B 95 -23.61 2.74 -0.24
C GLU B 95 -23.73 2.24 -1.66
N ASP B 96 -24.12 3.15 -2.55
CA ASP B 96 -24.51 2.78 -3.89
C ASP B 96 -23.74 3.54 -4.94
N ILE B 97 -22.94 2.80 -5.71
CA ILE B 97 -22.18 3.40 -6.79
C ILE B 97 -22.57 2.85 -8.17
N THR B 98 -22.90 3.77 -9.07
CA THR B 98 -23.10 3.45 -10.48
C THR B 98 -21.84 3.80 -11.26
N MET B 99 -21.30 2.85 -12.03
CA MET B 99 -20.22 3.16 -12.99
C MET B 99 -20.86 3.28 -14.36
N THR B 100 -20.16 3.88 -15.33
CA THR B 100 -20.76 4.11 -16.64
C THR B 100 -19.72 4.24 -17.73
N ASP B 101 -20.08 3.81 -18.93
CA ASP B 101 -19.28 4.17 -20.10
C ASP B 101 -19.99 3.99 -21.42
N PHE B 102 -19.56 4.79 -22.38
CA PHE B 102 -20.07 4.75 -23.72
C PHE B 102 -19.80 3.41 -24.41
N LEU B 103 -18.61 2.87 -24.17
CA LEU B 103 -18.10 1.71 -24.90
C LEU B 103 -18.29 0.38 -24.15
N GLU B 104 -19.00 -0.55 -24.77
CA GLU B 104 -19.10 -1.89 -24.23
C GLU B 104 -17.76 -2.51 -23.82
N VAL B 105 -16.71 -2.29 -24.60
CA VAL B 105 -15.43 -2.96 -24.33
C VAL B 105 -14.79 -2.45 -23.05
N ASN B 106 -15.18 -1.24 -22.66
CA ASN B 106 -14.76 -0.69 -21.39
C ASN B 106 -15.63 -1.26 -20.28
N ARG B 107 -16.92 -1.41 -20.57
CA ARG B 107 -17.81 -1.99 -19.57
C ARG B 107 -17.41 -3.43 -19.22
N GLN B 108 -16.83 -4.14 -20.18
CA GLN B 108 -16.37 -5.51 -20.00
C GLN B 108 -15.07 -5.55 -19.20
N GLU B 109 -14.22 -4.57 -19.47
CA GLU B 109 -12.98 -4.44 -18.74
C GLU B 109 -13.28 -4.32 -17.23
N LEU B 110 -14.18 -3.41 -16.88
CA LEU B 110 -14.63 -3.28 -15.48
C LEU B 110 -15.26 -4.58 -14.97
N GLY B 111 -16.08 -5.23 -15.81
CA GLY B 111 -16.65 -6.52 -15.46
C GLY B 111 -15.58 -7.49 -14.98
N ARG B 112 -14.40 -7.40 -15.60
CA ARG B 112 -13.33 -8.33 -15.28
C ARG B 112 -12.71 -7.99 -13.93
N TRP B 113 -12.64 -6.70 -13.63
CA TRP B 113 -12.06 -6.33 -12.37
C TRP B 113 -13.07 -6.68 -11.28
N LEU B 114 -14.33 -6.43 -11.56
CA LEU B 114 -15.38 -6.76 -10.58
C LEU B 114 -15.42 -8.24 -10.23
N GLN B 115 -15.16 -9.11 -11.19
CA GLN B 115 -15.22 -10.54 -10.94
C GLN B 115 -13.89 -11.00 -10.37
N GLU B 116 -13.00 -10.04 -10.16
CA GLU B 116 -11.71 -10.32 -9.54
C GLU B 116 -10.93 -11.35 -10.35
N GLU B 117 -11.10 -11.32 -11.66
CA GLU B 117 -10.38 -12.22 -12.54
C GLU B 117 -8.92 -11.79 -12.63
N PRO B 118 -8.04 -12.74 -12.95
CA PRO B 118 -6.60 -12.48 -13.09
C PRO B 118 -6.31 -11.61 -14.31
N GLY B 119 -6.95 -11.93 -15.43
CA GLY B 119 -6.75 -11.21 -16.67
C GLY B 119 -7.19 -9.76 -16.63
N ALA B 120 -7.65 -9.31 -15.46
CA ALA B 120 -8.10 -7.94 -15.27
C ALA B 120 -6.91 -7.03 -15.06
N PHE B 121 -7.11 -5.73 -15.25
CA PHE B 121 -6.06 -4.80 -14.94
C PHE B 121 -5.86 -4.81 -13.45
N ASN B 122 -4.62 -4.62 -13.04
CA ASN B 122 -4.26 -4.67 -11.65
C ASN B 122 -4.13 -3.29 -11.04
N TRP B 123 -5.10 -2.96 -10.20
CA TRP B 123 -5.18 -1.66 -9.58
C TRP B 123 -4.56 -1.63 -8.19
N SER B 124 -4.04 -2.77 -7.74
CA SER B 124 -3.59 -2.90 -6.34
C SER B 124 -2.58 -1.82 -5.87
N MET B 125 -1.64 -1.42 -6.72
CA MET B 125 -0.74 -0.30 -6.35
C MET B 125 -1.54 0.98 -6.04
N TYR B 126 -2.55 1.24 -6.87
CA TYR B 126 -3.45 2.37 -6.66
C TYR B 126 -4.26 2.22 -5.35
N SER B 127 -4.84 1.04 -5.13
CA SER B 127 -5.57 0.76 -3.89
C SER B 127 -4.68 0.98 -2.67
N GLN B 128 -3.46 0.47 -2.76
CA GLN B 128 -2.54 0.52 -1.64
C GLN B 128 -2.23 1.97 -1.37
N HIS B 129 -1.89 2.71 -2.42
CA HIS B 129 -1.59 4.13 -2.25
C HIS B 129 -2.75 4.93 -1.64
N ALA B 130 -3.97 4.67 -2.10
CA ALA B 130 -5.13 5.34 -1.49
C ALA B 130 -5.18 5.08 0.02
N CYS B 131 -5.04 3.80 0.40
CA CYS B 131 -5.02 3.41 1.81
C CYS B 131 -3.93 4.16 2.54
N LEU B 132 -2.76 4.23 1.89
CA LEU B 132 -1.62 4.96 2.45
C LEU B 132 -1.96 6.40 2.80
N ILE B 133 -2.55 7.14 1.86
CA ILE B 133 -2.75 8.58 2.09
C ILE B 133 -4.01 8.92 2.86
N GLU B 134 -4.96 7.99 2.89
CA GLU B 134 -6.14 8.14 3.74
C GLU B 134 -5.78 7.96 5.23
N GLY B 135 -4.69 7.24 5.50
CA GLY B 135 -4.13 7.13 6.84
C GLY B 135 -5.05 6.60 7.94
N LYS B 136 -5.90 5.63 7.60
CA LYS B 136 -6.78 4.96 8.54
C LYS B 136 -6.22 3.54 8.78
N GLY B 137 -5.01 3.29 8.27
CA GLY B 137 -4.39 1.98 8.34
C GLY B 137 -5.13 0.82 7.68
N GLU B 138 -5.97 1.12 6.69
CA GLU B 138 -6.76 0.11 6.01
C GLU B 138 -5.88 -0.72 5.07
N CYS B 139 -6.11 -2.02 4.98
CA CYS B 139 -5.37 -2.82 4.02
C CYS B 139 -6.04 -2.69 2.66
N TRP B 140 -5.25 -2.90 1.62
CA TRP B 140 -5.74 -2.61 0.29
C TRP B 140 -6.76 -3.62 -0.21
N GLN B 141 -6.69 -4.82 0.35
CA GLN B 141 -7.65 -5.85 -0.02
C GLN B 141 -9.03 -5.52 0.52
N ASP B 142 -9.07 -4.88 1.69
CA ASP B 142 -10.35 -4.52 2.30
C ASP B 142 -11.00 -3.46 1.45
N LYS B 143 -10.20 -2.45 1.11
CA LYS B 143 -10.58 -1.33 0.27
C LYS B 143 -11.20 -1.83 -1.06
N GLU B 144 -10.47 -2.71 -1.76
CA GLU B 144 -10.98 -3.28 -3.00
C GLU B 144 -12.26 -4.08 -2.82
N ARG B 145 -12.30 -4.87 -1.76
CA ARG B 145 -13.49 -5.69 -1.50
C ARG B 145 -14.70 -4.78 -1.30
N GLN B 146 -14.47 -3.61 -0.69
CA GLN B 146 -15.53 -2.64 -0.44
C GLN B 146 -16.01 -1.91 -1.69
N LEU B 147 -15.10 -1.64 -2.62
CA LEU B 147 -15.46 -1.00 -3.88
C LEU B 147 -16.31 -1.97 -4.68
N ARG B 148 -15.87 -3.22 -4.75
CA ARG B 148 -16.61 -4.24 -5.50
C ARG B 148 -18.02 -4.45 -4.95
N ALA B 149 -18.20 -4.22 -3.65
CA ALA B 149 -19.51 -4.39 -3.01
C ALA B 149 -20.43 -3.23 -3.34
N ARG B 150 -19.84 -2.04 -3.33
CA ARG B 150 -20.60 -0.81 -3.47
C ARG B 150 -20.93 -0.42 -4.93
N VAL B 151 -20.33 -1.10 -5.90
CA VAL B 151 -20.66 -0.90 -7.31
C VAL B 151 -21.90 -1.71 -7.69
N LYS B 152 -23.05 -1.04 -7.77
CA LYS B 152 -24.34 -1.70 -7.94
C LYS B 152 -24.74 -1.96 -9.39
N ARG B 153 -24.03 -1.33 -10.32
CA ARG B 153 -24.34 -1.47 -11.73
C ARG B 153 -23.30 -0.76 -12.58
N VAL B 154 -23.11 -1.27 -13.80
CA VAL B 154 -22.29 -0.63 -14.80
C VAL B 154 -23.13 -0.35 -16.07
N LEU B 155 -23.40 0.93 -16.36
CA LEU B 155 -24.37 1.32 -17.40
C LEU B 155 -23.79 2.07 -18.58
N PRO B 156 -24.42 1.90 -19.75
CA PRO B 156 -24.05 2.70 -20.92
C PRO B 156 -24.40 4.17 -20.67
N ILE B 157 -23.61 5.07 -21.22
CA ILE B 157 -23.88 6.49 -21.04
C ILE B 157 -23.49 7.30 -22.28
N ASP B 158 -24.29 8.31 -22.62
CA ASP B 158 -23.91 9.28 -23.63
C ASP B 158 -24.20 10.68 -23.06
N VAL B 159 -23.14 11.45 -22.81
CA VAL B 159 -23.28 12.74 -22.15
C VAL B 159 -23.82 13.79 -23.08
N HIS B 160 -23.89 13.47 -24.37
CA HIS B 160 -24.40 14.43 -25.35
C HIS B 160 -25.93 14.40 -25.40
N GLN B 161 -26.51 13.25 -25.08
CA GLN B 161 -27.96 13.15 -24.88
C GLN B 161 -28.42 14.02 -23.70
N PRO B 162 -29.59 14.66 -23.83
CA PRO B 162 -30.12 15.48 -22.73
C PRO B 162 -30.41 14.64 -21.50
N GLN B 163 -30.74 13.36 -21.71
CA GLN B 163 -30.81 12.38 -20.62
C GLN B 163 -29.72 11.34 -20.84
N PRO B 164 -28.53 11.59 -20.28
CA PRO B 164 -27.30 10.83 -20.58
C PRO B 164 -27.41 9.32 -20.39
N LEU B 165 -28.27 8.88 -19.47
CA LEU B 165 -28.43 7.45 -19.16
C LEU B 165 -29.64 6.80 -19.82
N GLY B 166 -30.36 7.57 -20.62
CA GLY B 166 -31.58 7.09 -21.25
C GLY B 166 -32.81 7.47 -20.44
N ALA B 167 -33.97 7.00 -20.87
CA ALA B 167 -35.20 7.29 -20.14
C ALA B 167 -35.53 6.16 -19.19
N GLY B 168 -35.99 6.51 -17.99
CA GLY B 168 -36.33 5.53 -16.98
C GLY B 168 -35.23 4.52 -16.76
N SER B 169 -34.01 5.04 -16.59
CA SER B 169 -32.83 4.21 -16.41
C SER B 169 -32.85 3.54 -15.04
N PRO B 170 -31.96 2.57 -14.84
CA PRO B 170 -31.81 1.81 -13.60
C PRO B 170 -31.36 2.70 -12.45
N ALA B 171 -30.51 3.67 -12.77
CA ALA B 171 -29.81 4.44 -11.76
C ALA B 171 -30.74 5.18 -10.80
N PRO B 172 -30.45 5.07 -9.50
CA PRO B 172 -31.15 5.90 -8.51
C PRO B 172 -31.00 7.38 -8.89
N LEU B 173 -32.10 8.06 -9.14
CA LEU B 173 -32.00 9.46 -9.52
C LEU B 173 -32.87 10.36 -8.65
N PRO B 174 -32.30 11.51 -8.22
CA PRO B 174 -30.96 11.99 -8.57
C PRO B 174 -29.89 11.52 -7.60
N ALA B 175 -28.67 11.38 -8.09
CA ALA B 175 -27.54 10.97 -7.24
C ALA B 175 -27.15 12.08 -6.30
N ASP B 176 -26.60 11.73 -5.14
CA ASP B 176 -26.12 12.74 -4.19
C ASP B 176 -24.79 13.35 -4.66
N ALA B 177 -24.03 12.57 -5.44
CA ALA B 177 -22.75 13.04 -5.94
C ALA B 177 -22.40 12.48 -7.31
N LEU B 178 -21.50 13.17 -7.99
CA LEU B 178 -21.04 12.77 -9.30
C LEU B 178 -19.53 12.81 -9.32
N VAL B 179 -18.93 11.85 -10.01
CA VAL B 179 -17.50 11.85 -10.26
C VAL B 179 -17.31 11.73 -11.76
N SER B 180 -16.35 12.46 -12.31
CA SER B 180 -16.03 12.29 -13.72
C SER B 180 -14.59 12.66 -13.96
N ALA B 181 -13.88 11.78 -14.63
CA ALA B 181 -12.45 12.00 -14.82
C ALA B 181 -12.10 11.80 -16.28
N PHE B 182 -11.56 12.85 -16.89
CA PHE B 182 -11.06 12.78 -18.26
C PHE B 182 -12.14 12.30 -19.25
N CYS B 183 -13.37 12.71 -19.00
CA CYS B 183 -14.44 12.36 -19.90
C CYS B 183 -14.92 13.53 -20.76
N LEU B 184 -15.55 14.54 -20.14
CA LEU B 184 -16.17 15.64 -20.88
C LEU B 184 -15.32 16.24 -22.00
N GLU B 185 -14.12 16.70 -21.67
CA GLU B 185 -13.25 17.31 -22.66
C GLU B 185 -12.74 16.29 -23.69
N ALA B 186 -12.69 15.01 -23.32
CA ALA B 186 -12.21 13.98 -24.25
C ALA B 186 -13.26 13.54 -25.27
N VAL B 187 -14.52 13.91 -25.04
CA VAL B 187 -15.58 13.48 -25.96
C VAL B 187 -16.35 14.64 -26.60
N SER B 188 -15.83 15.86 -26.41
CA SER B 188 -16.51 17.07 -26.84
C SER B 188 -15.68 17.80 -27.90
N PRO B 189 -16.25 17.95 -29.12
CA PRO B 189 -15.54 18.54 -30.26
C PRO B 189 -15.10 19.98 -30.00
N ASP B 190 -15.79 20.68 -29.12
CA ASP B 190 -15.49 22.09 -28.88
C ASP B 190 -16.06 22.53 -27.54
N LEU B 191 -15.83 23.78 -27.18
CA LEU B 191 -16.25 24.29 -25.86
C LEU B 191 -17.78 24.35 -25.60
N ALA B 192 -18.56 24.56 -26.66
CA ALA B 192 -20.00 24.66 -26.52
C ALA B 192 -20.57 23.28 -26.23
N SER B 193 -20.03 22.28 -26.91
CA SER B 193 -20.40 20.89 -26.72
C SER B 193 -20.08 20.48 -25.28
N PHE B 194 -18.86 20.79 -24.86
CA PHE B 194 -18.40 20.58 -23.51
C PHE B 194 -19.45 21.06 -22.51
N GLN B 195 -19.82 22.32 -22.66
CA GLN B 195 -20.74 22.99 -21.76
C GLN B 195 -22.09 22.26 -21.70
N ARG B 196 -22.60 21.87 -22.86
CA ARG B 196 -23.86 21.13 -22.91
C ARG B 196 -23.75 19.78 -22.21
N ALA B 197 -22.66 19.08 -22.48
CA ALA B 197 -22.40 17.80 -21.79
C ALA B 197 -22.46 18.01 -20.28
N LEU B 198 -21.68 18.99 -19.80
CA LEU B 198 -21.70 19.36 -18.39
C LEU B 198 -23.13 19.62 -17.91
N ASP B 199 -23.92 20.29 -18.76
CA ASP B 199 -25.31 20.62 -18.43
C ASP B 199 -26.16 19.35 -18.37
N HIS B 200 -25.90 18.40 -19.27
CA HIS B 200 -26.67 17.15 -19.30
C HIS B 200 -26.41 16.30 -18.05
N ILE B 201 -25.16 16.17 -17.66
CA ILE B 201 -24.88 15.34 -16.50
C ILE B 201 -25.38 16.00 -15.21
N THR B 202 -25.57 17.31 -15.27
CA THR B 202 -25.97 18.02 -14.07
C THR B 202 -27.42 17.71 -13.70
N THR B 203 -28.20 17.26 -14.68
CA THR B 203 -29.57 16.87 -14.42
C THR B 203 -29.65 15.61 -13.56
N LEU B 204 -28.50 14.96 -13.35
CA LEU B 204 -28.47 13.69 -12.62
C LEU B 204 -28.18 13.89 -11.12
N LEU B 205 -27.68 15.07 -10.79
CA LEU B 205 -27.28 15.41 -9.42
C LEU B 205 -28.40 16.14 -8.68
N ARG B 206 -28.65 15.76 -7.44
CA ARG B 206 -29.65 16.47 -6.63
C ARG B 206 -29.11 17.87 -6.39
N PRO B 207 -30.01 18.82 -6.10
CA PRO B 207 -29.56 20.16 -5.75
C PRO B 207 -28.87 20.10 -4.40
N GLY B 208 -27.73 20.76 -4.26
CA GLY B 208 -26.99 20.68 -3.02
C GLY B 208 -25.96 19.57 -3.04
N GLY B 209 -26.01 18.73 -4.07
CA GLY B 209 -25.06 17.64 -4.23
C GLY B 209 -23.74 18.14 -4.78
N HIS B 210 -22.77 17.22 -4.87
CA HIS B 210 -21.39 17.59 -5.23
C HIS B 210 -20.90 16.91 -6.50
N LEU B 211 -20.03 17.61 -7.24
CA LEU B 211 -19.35 17.04 -8.40
C LEU B 211 -17.84 17.18 -8.26
N LEU B 212 -17.14 16.06 -8.48
CA LEU B 212 -15.69 16.05 -8.49
C LEU B 212 -15.32 15.82 -9.93
N LEU B 213 -14.66 16.80 -10.52
CA LEU B 213 -14.36 16.74 -11.92
C LEU B 213 -12.86 16.85 -12.10
N ILE B 214 -12.31 15.90 -12.85
CA ILE B 214 -10.90 15.87 -13.14
C ILE B 214 -10.75 15.84 -14.65
N GLY B 215 -9.80 16.57 -15.19
CA GLY B 215 -9.57 16.44 -16.60
C GLY B 215 -8.30 17.07 -17.11
N ALA B 216 -8.07 16.93 -18.41
CA ALA B 216 -6.88 17.44 -19.09
C ALA B 216 -7.02 18.91 -19.48
N LEU B 217 -5.94 19.67 -19.28
CA LEU B 217 -5.90 21.09 -19.61
C LEU B 217 -5.10 21.33 -20.89
N GLU B 218 -5.65 22.14 -21.78
CA GLU B 218 -5.02 22.49 -23.07
C GLU B 218 -4.60 21.25 -23.88
N GLU B 219 -5.43 20.21 -23.81
CA GLU B 219 -5.20 18.99 -24.58
C GLU B 219 -6.00 18.99 -25.87
N SER B 220 -5.37 18.60 -26.98
CA SER B 220 -6.08 18.50 -28.25
C SER B 220 -6.13 17.09 -28.83
N TRP B 221 -5.24 16.20 -28.39
CA TRP B 221 -5.28 14.80 -28.83
C TRP B 221 -4.63 13.84 -27.81
N TYR B 222 -5.03 12.57 -27.86
CA TYR B 222 -4.37 11.50 -27.13
C TYR B 222 -4.57 10.18 -27.86
N LEU B 223 -3.67 9.24 -27.62
CA LEU B 223 -3.74 7.95 -28.30
C LEU B 223 -4.37 6.87 -27.43
N ALA B 224 -5.06 5.93 -28.08
CA ALA B 224 -5.57 4.75 -27.41
C ALA B 224 -5.44 3.51 -28.28
N GLY B 225 -4.20 3.23 -28.72
CA GLY B 225 -3.95 2.13 -29.65
C GLY B 225 -3.86 2.66 -31.07
N GLU B 226 -4.75 2.17 -31.95
CA GLU B 226 -4.84 2.65 -33.33
C GLU B 226 -5.45 4.04 -33.32
N ALA B 227 -6.48 4.18 -32.50
CA ALA B 227 -7.28 5.40 -32.39
C ALA B 227 -6.47 6.60 -31.89
N ARG B 228 -6.41 7.65 -32.70
CA ARG B 228 -5.94 8.96 -32.26
C ARG B 228 -7.17 9.84 -32.08
N LEU B 229 -7.40 10.31 -30.85
CA LEU B 229 -8.66 10.95 -30.49
C LEU B 229 -8.53 12.44 -30.27
N THR B 230 -9.61 13.15 -30.59
CA THR B 230 -9.61 14.60 -30.57
C THR B 230 -10.22 15.16 -29.30
N VAL B 231 -9.56 16.15 -28.72
CA VAL B 231 -9.96 16.72 -27.46
C VAL B 231 -10.11 18.23 -27.62
N VAL B 232 -11.16 18.80 -27.05
CA VAL B 232 -11.25 20.26 -26.96
C VAL B 232 -10.27 20.74 -25.91
N PRO B 233 -9.28 21.55 -26.31
CA PRO B 233 -8.35 22.07 -25.31
C PRO B 233 -9.02 23.17 -24.51
N VAL B 234 -9.11 22.98 -23.19
CA VAL B 234 -9.72 23.94 -22.28
C VAL B 234 -8.72 24.43 -21.23
N SER B 235 -8.96 25.62 -20.71
CA SER B 235 -8.14 26.22 -19.67
C SER B 235 -8.87 26.11 -18.33
N GLU B 236 -8.16 26.41 -17.24
CA GLU B 236 -8.78 26.46 -15.94
C GLU B 236 -9.94 27.47 -15.95
N GLU B 237 -9.68 28.65 -16.49
CA GLU B 237 -10.67 29.71 -16.46
C GLU B 237 -11.94 29.30 -17.22
N GLU B 238 -11.76 28.61 -18.35
CA GLU B 238 -12.88 28.02 -19.07
C GLU B 238 -13.65 26.96 -18.27
N VAL B 239 -12.93 26.13 -17.53
CA VAL B 239 -13.59 25.12 -16.69
C VAL B 239 -14.39 25.76 -15.57
N ARG B 240 -13.79 26.72 -14.88
CA ARG B 240 -14.52 27.44 -13.84
C ARG B 240 -15.81 28.04 -14.41
N GLU B 241 -15.66 28.72 -15.55
CA GLU B 241 -16.79 29.44 -16.11
C GLU B 241 -17.91 28.46 -16.44
N ALA B 242 -17.59 27.33 -17.05
CA ALA B 242 -18.61 26.34 -17.38
C ALA B 242 -19.33 25.85 -16.13
N LEU B 243 -18.59 25.65 -15.05
CA LEU B 243 -19.18 25.14 -13.82
C LEU B 243 -20.21 26.10 -13.27
N VAL B 244 -19.81 27.36 -13.20
CA VAL B 244 -20.68 28.45 -12.79
C VAL B 244 -21.91 28.54 -13.72
N ARG B 245 -21.64 28.47 -15.01
CA ARG B 245 -22.65 28.58 -16.05
C ARG B 245 -23.61 27.41 -15.99
N SER B 246 -23.33 26.41 -15.14
CA SER B 246 -24.19 25.23 -15.06
C SER B 246 -24.96 25.18 -13.77
N GLY B 247 -24.70 26.13 -12.87
CA GLY B 247 -25.42 26.18 -11.62
C GLY B 247 -24.66 25.64 -10.43
N TYR B 248 -23.33 25.67 -10.52
CA TYR B 248 -22.46 25.20 -9.44
C TYR B 248 -21.80 26.35 -8.70
N LYS B 249 -21.57 26.14 -7.40
CA LYS B 249 -20.55 26.90 -6.68
C LYS B 249 -19.25 26.08 -6.71
N VAL B 250 -18.17 26.74 -7.10
CA VAL B 250 -16.88 26.09 -7.17
C VAL B 250 -16.21 26.14 -5.81
N ARG B 251 -16.03 24.99 -5.16
CA ARG B 251 -15.43 24.95 -3.83
C ARG B 251 -13.92 24.80 -3.94
N ASP B 252 -13.45 24.23 -5.04
CA ASP B 252 -12.03 24.00 -5.19
C ASP B 252 -11.69 23.74 -6.64
N LEU B 253 -10.66 24.44 -7.12
CA LEU B 253 -10.18 24.23 -8.48
C LEU B 253 -8.66 24.32 -8.50
N ARG B 254 -8.02 23.17 -8.69
CA ARG B 254 -6.58 23.11 -8.62
C ARG B 254 -5.97 22.56 -9.90
N THR B 255 -4.71 22.90 -10.11
CA THR B 255 -4.02 22.64 -11.37
C THR B 255 -2.70 21.93 -11.14
N TYR B 256 -2.48 20.90 -11.96
CA TYR B 256 -1.24 20.18 -11.94
C TYR B 256 -0.56 20.41 -13.29
N ILE B 257 0.66 20.91 -13.26
CA ILE B 257 1.41 21.13 -14.49
C ILE B 257 2.19 19.89 -14.86
N MET B 258 1.95 19.37 -16.06
CA MET B 258 2.61 18.15 -16.47
C MET B 258 4.12 18.34 -16.56
N PRO B 259 4.88 17.55 -15.80
CA PRO B 259 6.36 17.55 -15.88
C PRO B 259 6.81 16.99 -17.23
N ALA B 260 7.91 17.50 -17.78
CA ALA B 260 8.34 17.05 -19.09
C ALA B 260 8.38 15.52 -19.18
N HIS B 261 8.96 14.90 -18.16
CA HIS B 261 9.19 13.46 -18.17
C HIS B 261 7.92 12.62 -18.13
N LEU B 262 6.78 13.26 -17.89
CA LEU B 262 5.52 12.55 -17.95
C LEU B 262 4.80 12.87 -19.26
N GLN B 263 5.40 13.73 -20.07
CA GLN B 263 4.89 13.99 -21.41
C GLN B 263 5.51 13.03 -22.40
N THR B 264 4.77 11.97 -22.70
CA THR B 264 5.33 10.75 -23.25
C THR B 264 5.04 10.50 -24.71
N GLY B 265 4.28 11.39 -25.35
CA GLY B 265 3.92 11.20 -26.73
C GLY B 265 2.58 10.52 -26.91
N VAL B 266 1.91 10.24 -25.79
CA VAL B 266 0.58 9.65 -25.84
C VAL B 266 -0.49 10.71 -26.02
N ASP B 267 -0.13 11.96 -25.73
CA ASP B 267 -1.04 13.10 -25.88
C ASP B 267 -0.25 14.40 -25.91
N ASP B 268 -0.97 15.52 -25.98
CA ASP B 268 -0.35 16.84 -25.88
C ASP B 268 -0.89 17.58 -24.66
N VAL B 269 -1.13 16.85 -23.58
CA VAL B 269 -1.70 17.43 -22.38
C VAL B 269 -0.65 18.34 -21.70
N LYS B 270 -1.06 19.56 -21.35
CA LYS B 270 -0.15 20.51 -20.70
C LYS B 270 -0.27 20.44 -19.19
N GLY B 271 -1.42 19.94 -18.72
CA GLY B 271 -1.69 19.85 -17.29
C GLY B 271 -3.02 19.17 -16.98
N VAL B 272 -3.33 19.07 -15.70
CA VAL B 272 -4.57 18.43 -15.26
C VAL B 272 -5.28 19.33 -14.24
N PHE B 273 -6.61 19.37 -14.31
CA PHE B 273 -7.39 20.17 -13.36
C PHE B 273 -8.22 19.26 -12.48
N PHE B 274 -8.45 19.74 -11.27
CA PHE B 274 -9.33 19.08 -10.35
C PHE B 274 -10.33 20.08 -9.82
N ALA B 275 -11.60 19.76 -9.96
CA ALA B 275 -12.65 20.63 -9.49
C ALA B 275 -13.57 19.94 -8.51
N TRP B 276 -13.77 20.58 -7.36
CA TRP B 276 -14.85 20.23 -6.45
C TRP B 276 -15.91 21.32 -6.56
N ALA B 277 -17.09 20.95 -7.03
CA ALA B 277 -18.16 21.93 -7.23
C ALA B 277 -19.43 21.40 -6.60
N GLN B 278 -20.22 22.31 -6.07
CA GLN B 278 -21.44 21.93 -5.40
C GLN B 278 -22.62 22.53 -6.15
N LYS B 279 -23.56 21.68 -6.56
CA LYS B 279 -24.72 22.15 -7.30
C LYS B 279 -25.63 23.03 -6.46
N VAL B 280 -25.89 24.24 -6.95
CA VAL B 280 -26.70 25.19 -6.21
C VAL B 280 -28.20 24.84 -6.27
N GLY B 281 -28.85 24.94 -5.12
CA GLY B 281 -30.28 24.71 -5.03
C GLY B 281 -30.73 24.43 -3.61
N SAH C . 14.37 -13.69 13.22
CA SAH C . 13.52 -14.79 12.73
CB SAH C . 13.63 -15.97 13.71
CG SAH C . 14.03 -17.24 12.96
SD SAH C . 13.68 -18.70 13.99
C SAH C . 12.06 -14.34 12.79
O SAH C . 11.79 -13.35 13.38
OXT SAH C . 11.08 -15.32 12.62
C5' SAH C . 15.08 -19.04 15.10
C4' SAH C . 16.40 -18.85 14.34
O4' SAH C . 17.51 -19.16 15.23
C3' SAH C . 16.53 -19.80 13.12
O3' SAH C . 16.75 -19.08 11.94
C2' SAH C . 17.73 -20.63 13.51
O2' SAH C . 18.42 -21.20 12.42
C1' SAH C . 18.57 -19.68 14.36
N9 SAH C . 19.54 -20.41 15.18
C8 SAH C . 19.48 -21.87 15.53
N7 SAH C . 20.60 -22.16 16.40
C5 SAH C . 21.37 -20.92 16.61
C6 SAH C . 22.61 -20.63 17.41
N6 SAH C . 23.28 -21.70 18.15
N1 SAH C . 23.15 -19.27 17.43
C2 SAH C . 22.46 -18.17 16.67
N3 SAH C . 21.24 -18.47 15.88
C4 SAH C . 20.70 -19.84 15.86
C10 ES9 D . 5.25 -17.52 16.66
CL01 ES9 D . 2.82 -16.18 16.53
C02 ES9 D . 4.56 -16.42 16.13
C03 ES9 D . 5.22 -15.51 15.28
C04 ES9 D . 6.56 -15.69 14.95
C05 ES9 D . 7.26 -16.81 15.48
N06 ES9 D . 8.53 -17.22 15.34
C07 ES9 D . 8.70 -18.37 16.09
N08 ES9 D . 7.50 -18.66 16.69
C09 ES9 D . 6.62 -17.71 16.33
N SAH E . -12.63 8.11 -16.51
CA SAH E . -11.57 7.15 -16.83
CB SAH E . -11.42 6.94 -18.36
CG SAH E . -11.53 8.26 -19.15
SD SAH E . -11.30 7.93 -20.96
C SAH E . -10.25 7.68 -16.30
O SAH E . -10.26 8.58 -15.52
OXT SAH E . -9.11 7.50 -17.09
C5' SAH E . -12.60 8.76 -21.91
C4' SAH E . -13.88 7.91 -21.86
O4' SAH E . -14.99 8.62 -22.45
C3' SAH E . -13.79 6.57 -22.61
O3' SAH E . -14.03 5.51 -21.69
C2' SAH E . -14.93 6.69 -23.59
O2' SAH E . -15.50 5.44 -23.93
C1' SAH E . -15.92 7.56 -22.83
N9 SAH E . -16.87 8.15 -23.76
C8 SAH E . -16.67 8.26 -25.23
N7 SAH E . -17.83 8.94 -25.77
C5 SAH E . -18.75 9.26 -24.69
C6 SAH E . -20.08 9.95 -24.67
N6 SAH E . -20.66 10.47 -25.91
N1 SAH E . -20.76 10.15 -23.42
C2 SAH E . -20.15 9.65 -22.15
N3 SAH E . -18.85 8.97 -22.17
C4 SAH E . -18.14 8.77 -23.43
C10 ES9 F . -3.48 12.45 -19.07
CL01 ES9 F . -1.26 13.07 -17.54
C02 ES9 F . -2.81 12.24 -17.84
C03 ES9 F . -3.37 11.39 -16.88
C04 ES9 F . -4.59 10.74 -17.14
C05 ES9 F . -5.25 10.94 -18.37
N06 ES9 F . -6.40 10.45 -18.85
C07 ES9 F . -6.58 10.99 -20.10
N08 ES9 F . -5.52 11.82 -20.41
C09 ES9 F . -4.70 11.79 -19.33
#